data_6EI2
#
_entry.id   6EI2
#
_cell.length_a   59.061
_cell.length_b   80.247
_cell.length_c   110.880
_cell.angle_alpha   90.000
_cell.angle_beta   90.000
_cell.angle_gamma   90.000
#
_symmetry.space_group_name_H-M   'P 21 21 21'
#
loop_
_entity.id
_entity.type
_entity.pdbx_description
1 polymer 'HLA class I histocompatibility antigen, A-68 alpha chain'
2 polymer Beta-2-microglobulin
3 polymer 'G1/S-specific cyclin-D2'
4 non-polymer 1,2-ETHANEDIOL
5 non-polymer 'NICKEL (II) ION'
6 non-polymer 'CADMIUM ION'
7 non-polymer 'COBALT (II) ION'
8 water water
#
loop_
_entity_poly.entity_id
_entity_poly.type
_entity_poly.pdbx_seq_one_letter_code
_entity_poly.pdbx_strand_id
1 'polypeptide(L)'
;MGSHSMRYFYTSVSRPGRGEPRFIAVGYVDDTQFVRFDSDAASQRMEPRAPWIEQEGPEYWDRNTRNVKAQSQTDRVDLG
TLRGYYNQSEAGSHTIQMMYGCDVGSDGRFLRGYRQDAYDGKDYIALKEDLRSWTAADMAAQTTKHKWEAAHVAEQWRAY
LEGTCVEWLRRYLENGKETLQRTDAPKTHMTHHAVSDHEATLRCWALSFYPAEITLTWQRDGEDQTQDTELVETRPAGDG
TFQKWVAVVVPSGQEQRYTCHVQHEGLPKPLTLRWE
;
A
2 'polypeptide(L)'
;MIQRTPKIQVYSRHPAENGKSNFLNCYVSGFHPSDIEVDLLKNGERIEKVEHSDLSFSKDWSFYLLYYTEFTPTEKDEYA
CRVNHVTLSQPKIVKWDRDM
;
B
3 'polypeptide(L)' ETSPLTAEKL C
#
loop_
_chem_comp.id
_chem_comp.type
_chem_comp.name
_chem_comp.formula
CD non-polymer 'CADMIUM ION' 'Cd 2'
CO non-polymer 'COBALT (II) ION' 'Co 2'
EDO non-polymer 1,2-ETHANEDIOL 'C2 H6 O2'
NI non-polymer 'NICKEL (II) ION' 'Ni 2'
#
# COMPACT_ATOMS: atom_id res chain seq x y z
N GLY A 2 4.94 17.26 10.15
CA GLY A 2 3.71 18.02 9.81
C GLY A 2 2.49 17.50 10.56
N SER A 3 1.41 17.31 9.80
CA SER A 3 0.30 16.46 10.23
C SER A 3 0.66 15.02 10.02
N HIS A 4 0.00 14.13 10.79
CA HIS A 4 0.34 12.72 10.79
C HIS A 4 -0.90 11.85 10.88
N SER A 5 -0.72 10.58 10.53
CA SER A 5 -1.82 9.63 10.54
C SER A 5 -1.39 8.33 11.17
N MET A 6 -2.37 7.62 11.73
CA MET A 6 -2.23 6.20 12.06
C MET A 6 -3.32 5.46 11.33
N ARG A 7 -2.97 4.34 10.70
CA ARG A 7 -3.99 3.57 9.99
C ARG A 7 -3.74 2.08 10.15
N TYR A 8 -4.81 1.32 10.32
CA TYR A 8 -4.81 -0.13 10.24
C TYR A 8 -5.60 -0.62 9.07
N PHE A 9 -5.05 -1.65 8.40
CA PHE A 9 -5.61 -2.25 7.22
C PHE A 9 -5.78 -3.73 7.51
N TYR A 10 -6.99 -4.22 7.47
CA TYR A 10 -7.32 -5.62 7.72
C TYR A 10 -7.93 -6.26 6.48
N THR A 11 -7.54 -7.49 6.17
CA THR A 11 -8.10 -8.27 5.08
C THR A 11 -8.39 -9.68 5.57
N SER A 12 -9.60 -10.19 5.37
CA SER A 12 -9.89 -11.58 5.54
C SER A 12 -10.29 -12.14 4.21
N VAL A 13 -9.82 -13.35 3.92
CA VAL A 13 -10.12 -14.05 2.65
C VAL A 13 -10.60 -15.44 2.99
N SER A 14 -11.83 -15.77 2.64
CA SER A 14 -12.36 -17.07 3.04
C SER A 14 -11.68 -18.18 2.25
N ARG A 15 -11.64 -19.35 2.91
CA ARG A 15 -11.04 -20.61 2.40
C ARG A 15 -12.12 -21.69 2.34
N PRO A 16 -12.91 -21.69 1.26
N PRO A 16 -12.88 -21.74 1.23
CA PRO A 16 -13.80 -22.80 0.95
CA PRO A 16 -14.12 -22.56 1.13
C PRO A 16 -13.13 -24.15 0.98
C PRO A 16 -14.06 -24.00 1.66
N GLY A 17 -13.80 -25.07 1.63
N GLY A 17 -12.96 -24.68 1.36
CA GLY A 17 -13.30 -26.40 1.61
CA GLY A 17 -12.91 -26.15 1.45
C GLY A 17 -12.73 -26.86 2.93
C GLY A 17 -12.65 -26.77 2.81
N ARG A 18 -11.99 -25.99 3.65
CA ARG A 18 -11.53 -26.43 4.95
C ARG A 18 -11.03 -25.22 5.76
N GLY A 19 -11.51 -25.14 7.00
CA GLY A 19 -10.93 -24.26 7.98
C GLY A 19 -11.33 -22.80 7.91
N GLU A 20 -10.52 -21.95 8.53
CA GLU A 20 -10.84 -20.53 8.75
C GLU A 20 -10.23 -19.67 7.68
N PRO A 21 -10.75 -18.41 7.55
CA PRO A 21 -10.17 -17.50 6.62
C PRO A 21 -8.72 -17.12 6.86
N ARG A 22 -8.06 -16.66 5.79
CA ARG A 22 -6.73 -16.06 5.95
C ARG A 22 -6.98 -14.63 6.42
N PHE A 23 -6.38 -14.21 7.53
CA PHE A 23 -6.52 -12.84 8.05
C PHE A 23 -5.15 -12.18 8.14
N ILE A 24 -5.06 -10.98 7.56
CA ILE A 24 -3.85 -10.16 7.59
C ILE A 24 -4.21 -8.78 8.10
N ALA A 25 -3.41 -8.32 9.07
CA ALA A 25 -3.52 -6.97 9.58
C ALA A 25 -2.19 -6.24 9.47
N VAL A 26 -2.21 -5.01 9.02
CA VAL A 26 -0.97 -4.19 8.98
C VAL A 26 -1.30 -2.84 9.61
N GLY A 27 -0.40 -2.33 10.43
CA GLY A 27 -0.51 -1.00 10.99
C GLY A 27 0.58 -0.06 10.46
N TYR A 28 0.18 1.19 10.18
CA TYR A 28 1.06 2.25 9.71
C TYR A 28 0.97 3.47 10.56
N VAL A 29 2.10 4.15 10.74
CA VAL A 29 2.14 5.56 11.09
C VAL A 29 2.64 6.28 9.82
N ASP A 30 1.84 7.21 9.32
CA ASP A 30 2.15 7.84 8.01
C ASP A 30 2.41 6.70 7.02
N ASP A 31 3.57 6.69 6.34
CA ASP A 31 3.85 5.65 5.38
C ASP A 31 4.86 4.62 5.89
N THR A 32 4.94 4.47 7.21
CA THR A 32 5.82 3.50 7.85
C THR A 32 5.01 2.36 8.46
N GLN A 33 5.19 1.15 7.96
CA GLN A 33 4.59 -0.02 8.61
C GLN A 33 5.25 -0.23 9.94
N PHE A 34 4.47 -0.51 10.99
CA PHE A 34 5.09 -0.78 12.31
C PHE A 34 4.68 -2.03 13.02
N VAL A 35 3.56 -2.64 12.62
CA VAL A 35 3.12 -3.95 13.14
C VAL A 35 2.46 -4.75 12.04
N ARG A 36 2.40 -6.06 12.23
CA ARG A 36 1.65 -6.96 11.36
C ARG A 36 1.11 -8.15 12.14
N PHE A 37 0.01 -8.72 11.64
CA PHE A 37 -0.48 -10.00 12.08
C PHE A 37 -0.83 -10.78 10.85
N ASP A 38 -0.39 -12.03 10.76
CA ASP A 38 -0.75 -12.88 9.65
C ASP A 38 -1.19 -14.21 10.20
N SER A 39 -2.45 -14.58 9.97
CA SER A 39 -2.98 -15.84 10.52
C SER A 39 -2.19 -17.04 10.02
N ASP A 40 -1.51 -16.93 8.87
CA ASP A 40 -0.72 -18.08 8.31
C ASP A 40 0.63 -18.24 9.06
N ALA A 41 1.04 -17.22 9.82
CA ALA A 41 2.38 -17.23 10.46
C ALA A 41 2.33 -18.05 11.72
N ALA A 42 3.50 -18.58 12.13
CA ALA A 42 3.47 -19.49 13.27
C ALA A 42 3.26 -18.84 14.65
N SER A 43 3.61 -17.58 14.81
CA SER A 43 3.57 -16.97 16.14
C SER A 43 2.18 -16.82 16.67
N GLN A 44 1.22 -16.53 15.79
CA GLN A 44 -0.14 -16.13 16.20
C GLN A 44 -0.13 -14.94 17.14
N ARG A 45 0.77 -14.01 16.89
CA ARG A 45 0.89 -12.78 17.65
C ARG A 45 1.02 -11.60 16.71
N MET A 46 0.54 -10.46 17.18
CA MET A 46 0.96 -9.22 16.57
C MET A 46 2.46 -9.09 16.70
N GLU A 47 3.11 -8.77 15.57
CA GLU A 47 4.57 -8.70 15.54
C GLU A 47 5.07 -7.31 15.18
N PRO A 48 6.20 -6.92 15.71
CA PRO A 48 6.81 -5.63 15.38
C PRO A 48 7.43 -5.58 14.01
N ARG A 49 7.26 -4.43 13.34
CA ARG A 49 7.89 -4.17 12.04
C ARG A 49 8.65 -2.83 11.95
N ALA A 50 8.78 -2.15 13.05
CA ALA A 50 9.61 -0.95 13.12
C ALA A 50 10.37 -1.01 14.43
N PRO A 51 11.62 -0.54 14.43
CA PRO A 51 12.41 -0.61 15.66
C PRO A 51 11.80 0.10 16.85
N TRP A 52 11.10 1.23 16.62
CA TRP A 52 10.60 2.06 17.70
C TRP A 52 9.36 1.50 18.40
N ILE A 53 8.75 0.43 17.86
CA ILE A 53 7.64 -0.24 18.55
C ILE A 53 8.14 -1.37 19.47
N GLU A 54 9.38 -1.82 19.26
CA GLU A 54 9.88 -2.98 19.99
C GLU A 54 9.91 -2.78 21.51
N GLN A 55 10.09 -1.55 21.94
CA GLN A 55 10.10 -1.20 23.39
C GLN A 55 8.76 -1.38 24.09
N GLU A 56 7.64 -1.56 23.35
CA GLU A 56 6.39 -1.76 24.02
C GLU A 56 6.46 -3.09 24.78
N GLY A 57 5.85 -3.06 25.93
CA GLY A 57 5.90 -4.16 26.87
C GLY A 57 4.94 -5.28 26.53
N PRO A 58 5.04 -6.40 27.26
CA PRO A 58 4.19 -7.57 27.02
C PRO A 58 2.71 -7.31 26.99
N GLU A 59 2.20 -6.41 27.84
CA GLU A 59 0.80 -6.21 27.86
C GLU A 59 0.32 -5.59 26.52
N TYR A 60 1.13 -4.72 25.95
CA TYR A 60 0.79 -4.10 24.62
C TYR A 60 0.61 -5.20 23.60
N TRP A 61 1.56 -6.12 23.56
CA TRP A 61 1.57 -7.18 22.55
C TRP A 61 0.43 -8.16 22.80
N ASP A 62 0.14 -8.47 24.07
CA ASP A 62 -1.03 -9.32 24.38
C ASP A 62 -2.38 -8.69 23.94
N ARG A 63 -2.55 -7.43 24.29
CA ARG A 63 -3.77 -6.70 24.05
C ARG A 63 -3.97 -6.56 22.55
N ASN A 64 -2.91 -6.14 21.85
CA ASN A 64 -3.06 -5.96 20.39
C ASN A 64 -3.30 -7.29 19.66
N THR A 65 -2.69 -8.37 20.16
CA THR A 65 -2.99 -9.69 19.65
C THR A 65 -4.45 -10.08 19.86
N ARG A 66 -4.94 -9.86 21.06
CA ARG A 66 -6.33 -10.16 21.40
C ARG A 66 -7.31 -9.42 20.49
N ASN A 67 -7.00 -8.16 20.21
CA ASN A 67 -7.88 -7.34 19.39
C ASN A 67 -8.00 -7.85 17.97
N VAL A 68 -6.85 -8.13 17.36
CA VAL A 68 -6.91 -8.57 15.96
C VAL A 68 -7.43 -9.99 15.84
N LYS A 69 -7.16 -10.85 16.82
CA LYS A 69 -7.73 -12.18 16.80
C LYS A 69 -9.24 -12.12 16.88
N ALA A 70 -9.75 -11.25 17.72
CA ALA A 70 -11.20 -11.09 17.82
C ALA A 70 -11.78 -10.59 16.53
N GLN A 71 -11.11 -9.62 15.89
CA GLN A 71 -11.60 -9.16 14.62
C GLN A 71 -11.57 -10.27 13.58
N SER A 72 -10.55 -11.12 13.61
CA SER A 72 -10.47 -12.21 12.63
C SER A 72 -11.67 -13.13 12.81
N GLN A 73 -12.05 -13.41 14.05
CA GLN A 73 -13.26 -14.25 14.28
C GLN A 73 -14.53 -13.56 13.79
N THR A 74 -14.68 -12.27 14.13
CA THR A 74 -15.81 -11.49 13.61
C THR A 74 -15.93 -11.53 12.08
N ASP A 75 -14.80 -11.32 11.40
CA ASP A 75 -14.76 -11.44 9.96
C ASP A 75 -15.22 -12.80 9.46
N ARG A 76 -14.80 -13.88 10.13
CA ARG A 76 -15.23 -15.23 9.77
C ARG A 76 -16.75 -15.34 9.86
N VAL A 77 -17.29 -14.83 10.96
CA VAL A 77 -18.74 -14.89 11.14
C VAL A 77 -19.43 -14.08 10.03
N ASP A 78 -18.94 -12.86 9.85
CA ASP A 78 -19.51 -11.94 8.84
C ASP A 78 -19.42 -12.50 7.43
N LEU A 79 -18.30 -13.15 7.10
CA LEU A 79 -18.20 -13.77 5.77
C LEU A 79 -19.36 -14.77 5.56
N GLY A 80 -19.68 -15.52 6.60
CA GLY A 80 -20.78 -16.49 6.55
C GLY A 80 -22.14 -15.84 6.44
N THR A 81 -22.40 -14.85 7.27
CA THR A 81 -23.73 -14.23 7.23
C THR A 81 -23.94 -13.43 5.95
N LEU A 82 -22.89 -12.78 5.43
CA LEU A 82 -23.00 -12.06 4.19
C LEU A 82 -23.18 -13.00 3.01
N ARG A 83 -22.45 -14.12 3.01
CA ARG A 83 -22.66 -15.13 1.97
C ARG A 83 -24.16 -15.52 1.95
N GLY A 84 -24.74 -15.69 3.14
CA GLY A 84 -26.16 -16.06 3.24
C GLY A 84 -27.05 -14.95 2.69
N TYR A 85 -26.79 -13.71 3.11
CA TYR A 85 -27.63 -12.58 2.69
C TYR A 85 -27.67 -12.45 1.19
N TYR A 86 -26.51 -12.59 0.54
CA TYR A 86 -26.37 -12.44 -0.87
C TYR A 86 -26.65 -13.71 -1.68
N ASN A 87 -27.08 -14.76 -0.97
CA ASN A 87 -27.42 -16.06 -1.58
C ASN A 87 -26.27 -16.55 -2.45
N GLN A 88 -25.04 -16.47 -1.92
CA GLN A 88 -23.87 -16.91 -2.64
C GLN A 88 -23.51 -18.36 -2.30
N SER A 89 -22.86 -19.07 -3.22
CA SER A 89 -22.54 -20.49 -2.94
C SER A 89 -21.43 -20.65 -1.93
N GLU A 90 -21.34 -21.84 -1.35
CA GLU A 90 -20.19 -22.15 -0.46
C GLU A 90 -18.87 -22.32 -1.21
N ALA A 91 -18.93 -22.42 -2.54
CA ALA A 91 -17.77 -22.67 -3.39
C ALA A 91 -16.78 -21.53 -3.56
N GLY A 92 -17.25 -20.28 -3.52
CA GLY A 92 -16.40 -19.16 -3.91
C GLY A 92 -15.71 -18.58 -2.69
N SER A 93 -14.50 -18.09 -2.92
CA SER A 93 -13.82 -17.29 -1.88
C SER A 93 -14.36 -15.85 -1.89
N HIS A 94 -14.44 -15.25 -0.69
CA HIS A 94 -14.92 -13.84 -0.55
C HIS A 94 -14.03 -13.13 0.41
N THR A 95 -14.12 -11.80 0.41
CA THR A 95 -13.20 -10.98 1.21
C THR A 95 -13.94 -9.94 2.03
N ILE A 96 -13.40 -9.63 3.21
CA ILE A 96 -13.76 -8.44 3.94
C ILE A 96 -12.48 -7.66 4.19
N GLN A 97 -12.55 -6.35 3.98
CA GLN A 97 -11.44 -5.45 4.25
C GLN A 97 -11.95 -4.34 5.13
N MET A 98 -11.07 -3.81 5.96
CA MET A 98 -11.40 -2.63 6.73
C MET A 98 -10.18 -1.73 6.87
N MET A 99 -10.39 -0.43 6.74
CA MET A 99 -9.37 0.53 7.11
C MET A 99 -9.92 1.43 8.21
N TYR A 100 -9.14 1.66 9.26
CA TYR A 100 -9.51 2.65 10.22
C TYR A 100 -8.30 3.38 10.73
N GLY A 101 -8.57 4.53 11.33
CA GLY A 101 -7.51 5.32 11.95
C GLY A 101 -7.81 6.77 12.13
N CYS A 102 -6.75 7.53 12.45
CA CYS A 102 -6.92 8.93 12.83
C CYS A 102 -5.82 9.79 12.23
N ASP A 103 -6.10 11.08 12.12
CA ASP A 103 -5.16 12.08 11.66
C ASP A 103 -5.02 13.11 12.78
N VAL A 104 -3.81 13.58 13.00
CA VAL A 104 -3.51 14.63 13.97
C VAL A 104 -2.74 15.74 13.27
N GLY A 105 -2.90 16.96 13.77
CA GLY A 105 -2.12 18.08 13.24
C GLY A 105 -0.73 18.15 13.84
N SER A 106 0.00 19.20 13.46
CA SER A 106 1.38 19.35 13.97
C SER A 106 1.40 19.64 15.46
N ASP A 107 0.32 20.19 16.01
CA ASP A 107 0.21 20.32 17.49
C ASP A 107 -0.23 19.02 18.20
N GLY A 108 -0.44 17.93 17.46
CA GLY A 108 -0.90 16.71 18.06
C GLY A 108 -2.40 16.60 18.30
N ARG A 109 -3.18 17.60 17.88
CA ARG A 109 -4.63 17.62 18.12
C ARG A 109 -5.31 16.77 17.06
N PHE A 110 -6.37 16.10 17.45
CA PHE A 110 -7.23 15.36 16.52
C PHE A 110 -7.71 16.21 15.34
N LEU A 111 -7.58 15.69 14.14
CA LEU A 111 -8.13 16.28 12.94
C LEU A 111 -9.33 15.53 12.37
N ARG A 112 -9.23 14.20 12.30
CA ARG A 112 -10.20 13.42 11.56
C ARG A 112 -10.06 11.95 11.95
N GLY A 113 -11.14 11.22 11.82
CA GLY A 113 -11.13 9.80 12.10
C GLY A 113 -11.85 9.05 10.98
N TYR A 114 -11.52 7.77 10.83
CA TYR A 114 -12.07 6.94 9.77
C TYR A 114 -12.26 5.54 10.23
N ARG A 115 -13.28 4.92 9.70
CA ARG A 115 -13.52 3.48 9.96
C ARG A 115 -14.47 2.95 8.84
N GLN A 116 -13.92 2.35 7.80
CA GLN A 116 -14.67 1.99 6.64
C GLN A 116 -14.34 0.57 6.24
N ASP A 117 -15.34 -0.14 5.71
CA ASP A 117 -15.14 -1.50 5.30
C ASP A 117 -15.77 -1.87 4.00
N ALA A 118 -15.38 -3.02 3.49
CA ALA A 118 -15.79 -3.48 2.17
C ALA A 118 -16.05 -4.95 2.18
N TYR A 119 -16.95 -5.44 1.32
CA TYR A 119 -17.16 -6.86 1.12
C TYR A 119 -16.92 -7.07 -0.38
N ASP A 120 -16.08 -8.04 -0.70
CA ASP A 120 -15.68 -8.32 -2.07
C ASP A 120 -15.22 -7.09 -2.84
N GLY A 121 -14.48 -6.24 -2.16
CA GLY A 121 -13.81 -5.10 -2.82
C GLY A 121 -14.70 -3.93 -3.12
N LYS A 122 -15.92 -3.93 -2.55
CA LYS A 122 -16.86 -2.84 -2.72
C LYS A 122 -17.29 -2.31 -1.35
N ASP A 123 -17.47 -1.01 -1.26
CA ASP A 123 -17.92 -0.37 0.01
C ASP A 123 -19.06 -1.17 0.59
N TYR A 124 -19.00 -1.37 1.92
CA TYR A 124 -20.08 -1.99 2.66
C TYR A 124 -20.64 -0.95 3.68
N ILE A 125 -19.95 -0.71 4.78
CA ILE A 125 -20.36 0.31 5.76
C ILE A 125 -19.14 1.13 6.20
N ALA A 126 -19.37 2.43 6.36
CA ALA A 126 -18.35 3.35 6.77
C ALA A 126 -18.88 4.37 7.75
N LEU A 127 -18.06 4.71 8.72
CA LEU A 127 -18.43 5.81 9.61
C LEU A 127 -18.28 7.09 8.84
N LYS A 128 -19.23 8.02 8.96
CA LYS A 128 -19.05 9.35 8.31
C LYS A 128 -18.05 10.22 9.04
N GLU A 129 -17.63 11.32 8.44
CA GLU A 129 -16.63 12.20 9.08
C GLU A 129 -17.10 12.76 10.40
N ASP A 130 -18.43 12.88 10.62
CA ASP A 130 -18.91 13.32 11.90
C ASP A 130 -18.68 12.35 13.06
N LEU A 131 -18.30 11.12 12.72
CA LEU A 131 -18.08 10.03 13.69
C LEU A 131 -19.37 9.71 14.47
N ARG A 132 -20.53 10.02 13.87
CA ARG A 132 -21.82 9.75 14.51
C ARG A 132 -22.72 8.85 13.63
N SER A 133 -22.53 8.98 12.31
CA SER A 133 -23.46 8.50 11.31
C SER A 133 -22.74 7.41 10.51
N TRP A 134 -23.54 6.56 9.85
CA TRP A 134 -23.00 5.50 8.99
C TRP A 134 -23.46 5.68 7.54
N THR A 135 -22.58 5.36 6.63
CA THR A 135 -22.86 5.26 5.19
C THR A 135 -22.94 3.76 4.88
N ALA A 136 -24.11 3.30 4.50
CA ALA A 136 -24.40 1.92 4.15
C ALA A 136 -24.62 1.87 2.67
N ALA A 137 -23.85 1.05 1.97
CA ALA A 137 -23.88 1.05 0.50
C ALA A 137 -25.06 0.28 -0.10
N ASP A 138 -25.59 -0.71 0.59
CA ASP A 138 -26.63 -1.58 0.11
C ASP A 138 -27.49 -2.02 1.28
N MET A 139 -28.43 -2.93 1.03
CA MET A 139 -29.44 -3.24 2.05
C MET A 139 -28.95 -4.20 3.13
N ALA A 140 -27.90 -4.98 2.85
CA ALA A 140 -27.23 -5.75 3.89
C ALA A 140 -26.58 -4.76 4.85
N ALA A 141 -25.79 -3.81 4.30
CA ALA A 141 -25.16 -2.82 5.12
C ALA A 141 -26.16 -1.96 5.85
N GLN A 142 -27.32 -1.74 5.25
CA GLN A 142 -28.38 -1.03 5.96
C GLN A 142 -28.88 -1.75 7.23
N THR A 143 -29.00 -3.07 7.10
CA THR A 143 -29.28 -3.96 8.22
C THR A 143 -28.23 -3.83 9.32
N THR A 144 -26.98 -3.86 8.91
CA THR A 144 -25.88 -3.64 9.84
C THR A 144 -26.01 -2.27 10.50
N LYS A 145 -26.33 -1.25 9.71
CA LYS A 145 -26.45 0.11 10.22
C LYS A 145 -27.46 0.18 11.38
N HIS A 146 -28.65 -0.37 11.17
CA HIS A 146 -29.64 -0.39 12.25
C HIS A 146 -29.18 -1.17 13.46
N LYS A 147 -28.54 -2.34 13.25
CA LYS A 147 -27.97 -3.08 14.38
C LYS A 147 -26.98 -2.25 15.16
N TRP A 148 -26.08 -1.59 14.45
CA TRP A 148 -25.01 -0.88 15.13
C TRP A 148 -25.52 0.43 15.75
N GLU A 149 -26.58 1.03 15.19
CA GLU A 149 -27.22 2.16 15.85
C GLU A 149 -27.76 1.71 17.21
N ALA A 150 -28.48 0.61 17.23
CA ALA A 150 -29.05 0.10 18.50
C ALA A 150 -27.99 -0.24 19.55
N ALA A 151 -26.80 -0.63 19.14
CA ALA A 151 -25.72 -1.06 19.98
C ALA A 151 -24.64 0.02 20.24
N HIS A 152 -24.90 1.27 19.84
CA HIS A 152 -24.02 2.40 20.21
C HIS A 152 -22.63 2.28 19.66
N VAL A 153 -22.51 1.59 18.51
CA VAL A 153 -21.21 1.29 17.96
C VAL A 153 -20.45 2.53 17.48
N ALA A 154 -21.13 3.46 16.82
CA ALA A 154 -20.47 4.67 16.38
C ALA A 154 -19.92 5.48 17.52
N GLU A 155 -20.66 5.51 18.64
CA GLU A 155 -20.14 6.22 19.85
C GLU A 155 -18.82 5.60 20.30
N GLN A 156 -18.77 4.26 20.29
CA GLN A 156 -17.53 3.60 20.68
C GLN A 156 -16.36 3.90 19.77
N TRP A 157 -16.64 3.85 18.47
CA TRP A 157 -15.64 4.18 17.50
C TRP A 157 -15.18 5.61 17.63
N ARG A 158 -16.08 6.57 17.81
CA ARG A 158 -15.69 7.98 17.97
C ARG A 158 -14.72 8.09 19.18
N ALA A 159 -15.06 7.39 20.29
CA ALA A 159 -14.29 7.55 21.50
C ALA A 159 -12.88 6.97 21.26
N TYR A 160 -12.83 5.85 20.53
CA TYR A 160 -11.52 5.26 20.15
C TYR A 160 -10.72 6.22 19.26
N LEU A 161 -11.36 6.74 18.22
CA LEU A 161 -10.68 7.52 17.23
C LEU A 161 -10.18 8.87 17.73
N GLU A 162 -10.95 9.48 18.61
CA GLU A 162 -10.58 10.77 19.21
C GLU A 162 -9.67 10.64 20.42
N GLY A 163 -9.66 9.46 21.01
CA GLY A 163 -8.97 9.21 22.28
C GLY A 163 -7.79 8.32 22.08
N THR A 164 -7.95 7.03 22.32
CA THR A 164 -6.90 6.04 22.13
C THR A 164 -6.03 6.22 20.89
N CYS A 165 -6.69 6.36 19.75
CA CYS A 165 -5.96 6.46 18.49
C CYS A 165 -4.98 7.62 18.49
N VAL A 166 -5.48 8.82 18.86
CA VAL A 166 -4.67 10.02 18.87
C VAL A 166 -3.56 9.91 19.93
N GLU A 167 -3.89 9.38 21.09
CA GLU A 167 -2.91 9.29 22.20
C GLU A 167 -1.73 8.41 21.82
N TRP A 168 -2.06 7.24 21.27
CA TRP A 168 -1.01 6.33 20.84
C TRP A 168 -0.23 6.83 19.63
N LEU A 169 -0.89 7.47 18.68
CA LEU A 169 -0.18 8.10 17.57
C LEU A 169 0.84 9.13 18.08
N ARG A 170 0.43 9.98 19.01
CA ARG A 170 1.39 10.95 19.61
C ARG A 170 2.60 10.25 20.24
N ARG A 171 2.34 9.15 20.95
CA ARG A 171 3.38 8.37 21.58
C ARG A 171 4.35 7.81 20.57
N TYR A 172 3.81 7.23 19.52
CA TYR A 172 4.68 6.67 18.46
C TYR A 172 5.54 7.75 17.78
N LEU A 173 4.92 8.87 17.48
CA LEU A 173 5.60 9.97 16.86
C LEU A 173 6.77 10.45 17.68
N GLU A 174 6.61 10.45 19.00
CA GLU A 174 7.69 10.82 19.90
C GLU A 174 8.75 9.72 19.98
N ASN A 175 8.34 8.48 20.20
CA ASN A 175 9.28 7.38 20.35
C ASN A 175 10.08 7.10 19.10
N GLY A 176 9.42 7.22 17.94
CA GLY A 176 10.03 7.01 16.66
C GLY A 176 10.47 8.28 15.97
N LYS A 177 10.57 9.41 16.71
CA LYS A 177 10.79 10.72 16.05
C LYS A 177 12.00 10.80 15.11
N GLU A 178 13.07 10.07 15.42
CA GLU A 178 14.28 10.14 14.58
C GLU A 178 14.01 9.75 13.11
N THR A 179 13.04 8.88 12.86
CA THR A 179 12.62 8.56 11.49
C THR A 179 11.25 9.10 11.14
N LEU A 180 10.29 9.00 12.07
CA LEU A 180 8.90 9.37 11.73
C LEU A 180 8.74 10.86 11.49
N GLN A 181 9.53 11.67 12.21
CA GLN A 181 9.46 13.13 12.03
C GLN A 181 10.61 13.66 11.19
N ARG A 182 11.30 12.80 10.42
CA ARG A 182 12.33 13.19 9.51
C ARG A 182 11.71 13.14 8.13
N THR A 183 11.84 14.19 7.32
CA THR A 183 11.47 14.06 5.90
C THR A 183 12.71 13.74 5.09
N ASP A 184 12.56 12.88 4.11
CA ASP A 184 13.67 12.48 3.21
C ASP A 184 13.28 13.06 1.87
N ALA A 185 13.88 14.17 1.51
CA ALA A 185 13.61 14.80 0.24
C ALA A 185 14.10 13.89 -0.89
N PRO A 186 13.41 13.96 -2.04
CA PRO A 186 13.83 13.11 -3.13
C PRO A 186 15.22 13.45 -3.68
N LYS A 187 15.95 12.38 -3.96
CA LYS A 187 17.18 12.47 -4.71
C LYS A 187 16.79 12.40 -6.16
N THR A 188 17.10 13.43 -6.95
CA THR A 188 16.59 13.56 -8.27
C THR A 188 17.71 13.57 -9.29
N HIS A 189 17.39 13.04 -10.44
CA HIS A 189 18.32 13.09 -11.59
C HIS A 189 17.52 12.84 -12.86
N MET A 190 18.16 13.13 -13.98
CA MET A 190 17.54 13.00 -15.28
C MET A 190 18.31 12.06 -16.16
N THR A 191 17.62 11.16 -16.83
CA THR A 191 18.26 10.28 -17.82
C THR A 191 17.67 10.56 -19.22
N HIS A 192 18.42 10.10 -20.23
CA HIS A 192 18.16 10.36 -21.63
C HIS A 192 18.28 9.10 -22.42
N HIS A 193 17.24 8.77 -23.15
CA HIS A 193 17.16 7.49 -23.88
C HIS A 193 16.69 7.75 -25.32
N ALA A 194 17.61 7.60 -26.31
CA ALA A 194 17.25 7.87 -27.70
C ALA A 194 16.18 6.87 -28.09
N VAL A 195 15.16 7.33 -28.81
CA VAL A 195 14.16 6.41 -29.34
C VAL A 195 14.24 6.28 -30.85
N SER A 196 15.07 7.13 -31.45
CA SER A 196 15.41 7.17 -32.85
C SER A 196 16.60 8.08 -32.98
N ASP A 197 17.01 8.32 -34.23
CA ASP A 197 18.05 9.31 -34.48
C ASP A 197 17.60 10.75 -34.41
N HIS A 198 16.33 10.99 -34.08
CA HIS A 198 15.86 12.37 -34.00
C HIS A 198 14.90 12.68 -32.86
N GLU A 199 14.70 11.72 -31.94
CA GLU A 199 13.91 11.98 -30.75
C GLU A 199 14.40 11.14 -29.62
N ALA A 200 14.09 11.60 -28.43
CA ALA A 200 14.59 10.92 -27.21
C ALA A 200 13.64 11.07 -26.09
N THR A 201 13.67 10.09 -25.21
CA THR A 201 12.95 10.15 -23.92
C THR A 201 13.83 10.79 -22.87
N LEU A 202 13.31 11.83 -22.20
CA LEU A 202 13.94 12.36 -20.97
C LEU A 202 13.10 11.81 -19.80
N ARG A 203 13.78 11.17 -18.86
CA ARG A 203 13.10 10.59 -17.68
C ARG A 203 13.64 11.27 -16.42
N CYS A 204 12.73 11.85 -15.68
CA CYS A 204 13.02 12.64 -14.46
C CYS A 204 12.71 11.77 -13.27
N TRP A 205 13.74 11.47 -12.48
CA TRP A 205 13.65 10.49 -11.39
C TRP A 205 13.62 11.15 -10.03
N ALA A 206 12.77 10.63 -9.15
CA ALA A 206 12.76 10.98 -7.72
C ALA A 206 12.94 9.69 -6.97
N LEU A 207 14.01 9.64 -6.19
CA LEU A 207 14.35 8.43 -5.46
C LEU A 207 14.53 8.66 -3.98
N SER A 208 14.37 7.57 -3.23
CA SER A 208 14.72 7.55 -1.80
C SER A 208 14.00 8.58 -0.94
N PHE A 209 12.73 8.87 -1.29
CA PHE A 209 11.98 9.88 -0.58
C PHE A 209 10.99 9.31 0.45
N TYR A 210 10.66 10.15 1.42
CA TYR A 210 9.66 9.83 2.44
C TYR A 210 9.12 11.14 3.01
N PRO A 211 7.81 11.30 3.16
CA PRO A 211 6.77 10.31 2.83
C PRO A 211 6.55 10.14 1.35
N ALA A 212 5.58 9.30 1.00
CA ALA A 212 5.35 8.91 -0.40
C ALA A 212 4.74 10.01 -1.30
N GLU A 213 4.04 10.94 -0.69
CA GLU A 213 3.38 12.03 -1.42
C GLU A 213 4.44 12.85 -2.16
N ILE A 214 4.19 13.06 -3.45
CA ILE A 214 5.14 13.79 -4.32
C ILE A 214 4.41 14.25 -5.55
N THR A 215 4.87 15.33 -6.15
CA THR A 215 4.35 15.74 -7.44
C THR A 215 5.51 15.99 -8.40
N LEU A 216 5.47 15.31 -9.55
CA LEU A 216 6.45 15.43 -10.61
C LEU A 216 5.78 15.94 -11.86
N THR A 217 6.30 17.02 -12.42
CA THR A 217 5.67 17.58 -13.61
C THR A 217 6.71 18.01 -14.64
N TRP A 218 6.35 17.92 -15.92
CA TRP A 218 7.17 18.49 -16.96
C TRP A 218 6.60 19.83 -17.39
N GLN A 219 7.52 20.77 -17.64
CA GLN A 219 7.20 22.01 -18.32
C GLN A 219 8.02 22.08 -19.63
N ARG A 220 7.42 22.73 -20.61
CA ARG A 220 8.12 23.05 -21.82
C ARG A 220 8.01 24.56 -22.04
N ASP A 221 9.16 25.22 -22.15
CA ASP A 221 9.23 26.67 -22.26
C ASP A 221 8.44 27.35 -21.15
N GLY A 222 8.53 26.76 -19.96
CA GLY A 222 7.95 27.29 -18.76
C GLY A 222 6.46 27.15 -18.57
N GLU A 223 5.79 26.24 -19.29
CA GLU A 223 4.42 25.90 -19.00
C GLU A 223 4.26 24.37 -18.95
N ASP A 224 3.43 23.90 -18.03
CA ASP A 224 3.21 22.45 -17.87
C ASP A 224 2.87 21.78 -19.21
N GLN A 225 3.44 20.60 -19.41
CA GLN A 225 3.16 19.81 -20.60
C GLN A 225 2.69 18.44 -20.09
N THR A 226 1.57 17.96 -20.63
CA THR A 226 1.10 16.63 -20.32
C THR A 226 1.08 15.71 -21.54
N GLN A 227 0.91 16.26 -22.74
CA GLN A 227 0.99 15.42 -23.95
C GLN A 227 2.37 14.79 -24.14
N ASP A 228 2.42 13.55 -24.61
CA ASP A 228 3.67 12.82 -24.84
C ASP A 228 4.49 12.64 -23.57
N THR A 229 3.82 12.58 -22.44
CA THR A 229 4.45 12.25 -21.16
C THR A 229 3.91 10.93 -20.59
N GLU A 230 4.69 10.35 -19.66
CA GLU A 230 4.32 9.15 -18.96
C GLU A 230 4.71 9.33 -17.46
N LEU A 231 3.78 9.07 -16.55
CA LEU A 231 3.99 9.26 -15.08
C LEU A 231 3.75 7.90 -14.46
N VAL A 232 4.76 7.22 -13.87
CA VAL A 232 4.54 5.91 -13.23
C VAL A 232 3.99 6.10 -11.85
N GLU A 233 3.28 5.08 -11.38
CA GLU A 233 2.78 5.01 -10.04
CA GLU A 233 2.76 5.10 -10.03
C GLU A 233 3.94 5.02 -9.04
N THR A 234 3.77 5.72 -7.95
CA THR A 234 4.77 5.75 -6.88
C THR A 234 4.94 4.36 -6.33
N ARG A 235 6.20 3.95 -6.11
CA ARG A 235 6.47 2.57 -5.76
C ARG A 235 7.44 2.49 -4.63
N PRO A 236 7.36 1.42 -3.79
CA PRO A 236 8.24 1.32 -2.66
C PRO A 236 9.65 0.86 -3.09
N ALA A 237 10.67 1.44 -2.50
CA ALA A 237 12.03 0.95 -2.73
C ALA A 237 12.35 -0.33 -2.02
N GLY A 238 11.70 -0.53 -0.88
CA GLY A 238 11.88 -1.68 -0.01
C GLY A 238 12.71 -1.42 1.20
N ASP A 239 13.26 -0.21 1.33
CA ASP A 239 14.04 0.22 2.48
C ASP A 239 13.29 1.26 3.32
N GLY A 240 11.96 1.38 3.07
CA GLY A 240 11.11 2.34 3.73
C GLY A 240 10.86 3.60 2.96
N THR A 241 11.65 3.80 1.91
CA THR A 241 11.50 4.99 1.04
C THR A 241 10.76 4.62 -0.24
N PHE A 242 10.47 5.64 -1.04
CA PHE A 242 9.70 5.53 -2.24
C PHE A 242 10.41 6.10 -3.48
N GLN A 243 9.85 5.72 -4.64
CA GLN A 243 10.39 6.11 -5.95
C GLN A 243 9.29 6.54 -6.87
N LYS A 244 9.61 7.43 -7.84
CA LYS A 244 8.66 7.79 -8.92
C LYS A 244 9.48 8.38 -10.05
N TRP A 245 8.98 8.27 -11.27
CA TRP A 245 9.55 9.04 -12.37
C TRP A 245 8.47 9.51 -13.27
N VAL A 246 8.82 10.55 -14.03
CA VAL A 246 7.98 11.05 -15.10
C VAL A 246 8.87 11.22 -16.32
N ALA A 247 8.33 10.94 -17.50
CA ALA A 247 9.08 10.99 -18.72
C ALA A 247 8.37 11.76 -19.80
N VAL A 248 9.16 12.24 -20.76
CA VAL A 248 8.63 12.94 -21.90
C VAL A 248 9.45 12.58 -23.15
N VAL A 249 8.82 12.48 -24.31
CA VAL A 249 9.51 12.28 -25.56
C VAL A 249 9.68 13.64 -26.21
N VAL A 250 10.90 13.95 -26.64
CA VAL A 250 11.23 15.25 -27.19
C VAL A 250 11.99 15.15 -28.49
N PRO A 251 11.89 16.20 -29.35
CA PRO A 251 12.79 16.21 -30.47
C PRO A 251 14.24 16.39 -30.05
N SER A 252 15.13 15.54 -30.57
CA SER A 252 16.52 15.61 -30.24
C SER A 252 17.06 16.98 -30.61
N GLY A 253 17.81 17.55 -29.67
CA GLY A 253 18.35 18.92 -29.82
C GLY A 253 17.54 19.97 -29.15
N GLN A 254 16.31 19.62 -28.74
CA GLN A 254 15.43 20.58 -28.04
C GLN A 254 15.28 20.29 -26.56
N GLU A 255 16.21 19.49 -26.00
CA GLU A 255 16.08 19.09 -24.63
C GLU A 255 16.07 20.28 -23.66
N GLN A 256 16.78 21.37 -23.96
CA GLN A 256 16.90 22.50 -23.02
C GLN A 256 15.56 23.23 -22.77
N ARG A 257 14.54 23.01 -23.63
CA ARG A 257 13.22 23.57 -23.42
C ARG A 257 12.48 22.96 -22.25
N TYR A 258 12.90 21.75 -21.84
CA TYR A 258 12.08 20.93 -20.95
C TYR A 258 12.67 20.94 -19.57
N THR A 259 11.82 21.17 -18.58
CA THR A 259 12.26 21.22 -17.20
C THR A 259 11.35 20.33 -16.42
N CYS A 260 11.93 19.60 -15.47
CA CYS A 260 11.14 18.78 -14.57
C CYS A 260 11.05 19.46 -13.19
N HIS A 261 9.85 19.48 -12.69
CA HIS A 261 9.57 20.15 -11.43
C HIS A 261 9.15 19.14 -10.40
N VAL A 262 9.75 19.25 -9.19
CA VAL A 262 9.54 18.28 -8.13
C VAL A 262 9.08 18.95 -6.85
N GLN A 263 7.94 18.53 -6.34
CA GLN A 263 7.39 19.08 -5.12
C GLN A 263 7.31 17.94 -4.11
N HIS A 264 7.78 18.21 -2.93
CA HIS A 264 7.76 17.23 -1.81
C HIS A 264 7.85 17.96 -0.47
N GLU A 265 7.28 17.36 0.57
CA GLU A 265 7.28 17.95 1.91
C GLU A 265 8.69 18.27 2.38
N GLY A 266 9.66 17.45 1.99
CA GLY A 266 11.04 17.64 2.34
C GLY A 266 11.84 18.70 1.61
N LEU A 267 11.23 19.33 0.61
CA LEU A 267 11.86 20.39 -0.17
C LEU A 267 11.19 21.70 0.18
N PRO A 268 11.92 22.61 0.82
CA PRO A 268 11.30 23.91 1.17
C PRO A 268 10.78 24.71 -0.04
N LYS A 269 11.52 24.63 -1.15
CA LYS A 269 11.06 25.18 -2.44
C LYS A 269 11.09 24.01 -3.44
N PRO A 270 10.11 23.95 -4.38
CA PRO A 270 10.25 22.94 -5.45
C PRO A 270 11.58 23.00 -6.20
N LEU A 271 11.98 21.86 -6.72
CA LEU A 271 13.23 21.72 -7.42
C LEU A 271 12.92 21.72 -8.89
N THR A 272 13.88 22.21 -9.68
CA THR A 272 13.82 22.18 -11.14
C THR A 272 15.07 21.48 -11.69
N LEU A 273 14.87 20.53 -12.58
CA LEU A 273 15.94 19.84 -13.29
C LEU A 273 15.82 20.05 -14.79
N ARG A 274 16.95 20.12 -15.46
CA ARG A 274 17.03 20.20 -16.95
C ARG A 274 18.11 19.21 -17.43
N TRP A 275 18.03 18.76 -18.68
CA TRP A 275 19.07 17.90 -19.26
C TRP A 275 20.32 18.76 -19.65
N GLU A 276 21.50 18.36 -19.17
CA GLU A 276 22.80 19.03 -19.51
C GLU A 276 23.15 18.77 -20.98
N MET B 1 -16.06 -7.71 -6.71
CA MET B 1 -15.84 -6.55 -7.63
C MET B 1 -15.38 -7.09 -8.95
N ILE B 2 -15.52 -6.27 -10.00
CA ILE B 2 -15.07 -6.69 -11.33
C ILE B 2 -13.60 -7.05 -11.20
N GLN B 3 -13.22 -8.19 -11.78
CA GLN B 3 -11.85 -8.63 -11.68
C GLN B 3 -10.99 -7.58 -12.34
N ARG B 4 -9.82 -7.36 -11.75
CA ARG B 4 -8.95 -6.28 -12.18
C ARG B 4 -7.50 -6.74 -12.13
N THR B 5 -6.83 -6.63 -13.27
CA THR B 5 -5.59 -7.30 -13.50
C THR B 5 -4.52 -6.44 -12.80
N PRO B 6 -3.48 -7.09 -12.29
CA PRO B 6 -2.46 -6.30 -11.63
C PRO B 6 -1.69 -5.42 -12.55
N LYS B 7 -1.38 -4.22 -12.08
CA LYS B 7 -0.31 -3.43 -12.63
C LYS B 7 0.98 -4.03 -12.10
N ILE B 8 2.03 -3.95 -12.90
CA ILE B 8 3.33 -4.59 -12.56
C ILE B 8 4.45 -3.66 -12.89
N GLN B 9 5.30 -3.39 -11.92
CA GLN B 9 6.53 -2.67 -12.16
C GLN B 9 7.67 -3.53 -11.67
N VAL B 10 8.73 -3.63 -12.46
CA VAL B 10 9.89 -4.44 -12.12
C VAL B 10 11.09 -3.50 -12.14
N TYR B 11 11.81 -3.43 -11.04
CA TYR B 11 12.78 -2.36 -10.89
C TYR B 11 13.78 -2.70 -9.81
N SER B 12 14.92 -2.01 -9.82
CA SER B 12 15.94 -2.18 -8.78
C SER B 12 15.71 -1.20 -7.68
N ARG B 13 16.14 -1.59 -6.47
CA ARG B 13 16.07 -0.68 -5.37
C ARG B 13 16.95 0.57 -5.57
N HIS B 14 18.16 0.36 -6.07
CA HIS B 14 19.15 1.40 -6.31
C HIS B 14 19.48 1.46 -7.76
N PRO B 15 19.95 2.61 -8.24
CA PRO B 15 20.33 2.66 -9.66
C PRO B 15 21.35 1.57 -10.00
N ALA B 16 21.14 0.89 -11.10
CA ALA B 16 21.86 -0.31 -11.36
C ALA B 16 23.19 -0.05 -12.00
N GLU B 17 24.16 -0.86 -11.60
CA GLU B 17 25.48 -0.90 -12.22
C GLU B 17 25.87 -2.35 -12.35
N ASN B 18 26.28 -2.76 -13.56
CA ASN B 18 26.62 -4.18 -13.69
C ASN B 18 27.76 -4.56 -12.72
N GLY B 19 27.58 -5.70 -12.04
CA GLY B 19 28.59 -6.15 -11.10
C GLY B 19 28.41 -5.68 -9.68
N LYS B 20 27.46 -4.78 -9.44
CA LYS B 20 27.28 -4.13 -8.15
C LYS B 20 25.97 -4.66 -7.52
N SER B 21 26.06 -5.02 -6.23
CA SER B 21 25.00 -5.66 -5.44
C SER B 21 23.79 -4.72 -5.35
N ASN B 22 22.60 -5.31 -5.42
CA ASN B 22 21.36 -4.54 -5.45
C ASN B 22 20.20 -5.40 -5.02
N PHE B 23 18.99 -4.90 -5.23
CA PHE B 23 17.74 -5.65 -4.88
C PHE B 23 16.83 -5.53 -6.06
N LEU B 24 16.25 -6.63 -6.46
CA LEU B 24 15.31 -6.63 -7.55
C LEU B 24 13.90 -6.68 -6.91
N ASN B 25 13.05 -5.76 -7.36
CA ASN B 25 11.70 -5.58 -6.89
C ASN B 25 10.69 -5.88 -7.99
N CYS B 26 9.55 -6.51 -7.61
CA CYS B 26 8.38 -6.60 -8.46
C CYS B 26 7.22 -6.12 -7.60
N TYR B 27 6.67 -4.96 -8.00
CA TYR B 27 5.56 -4.36 -7.28
C TYR B 27 4.29 -4.62 -8.10
N VAL B 28 3.36 -5.34 -7.50
CA VAL B 28 2.05 -5.65 -8.14
C VAL B 28 1.00 -4.89 -7.38
N SER B 29 0.16 -4.21 -8.13
CA SER B 29 -0.82 -3.35 -7.45
C SER B 29 -2.10 -3.26 -8.27
N GLY B 30 -3.10 -2.70 -7.62
CA GLY B 30 -4.36 -2.47 -8.32
C GLY B 30 -5.19 -3.66 -8.69
N PHE B 31 -4.97 -4.79 -8.01
CA PHE B 31 -5.58 -6.04 -8.40
C PHE B 31 -6.69 -6.48 -7.45
N HIS B 32 -7.62 -7.26 -8.02
CA HIS B 32 -8.73 -7.84 -7.35
C HIS B 32 -9.20 -9.02 -8.19
N PRO B 33 -9.43 -10.18 -7.58
CA PRO B 33 -9.30 -10.45 -6.17
C PRO B 33 -7.80 -10.59 -5.69
N SER B 34 -7.57 -10.94 -4.42
CA SER B 34 -6.25 -10.83 -3.81
C SER B 34 -5.31 -12.02 -4.10
N ASP B 35 -5.86 -13.19 -4.44
CA ASP B 35 -4.96 -14.32 -4.70
C ASP B 35 -4.12 -13.99 -5.93
N ILE B 36 -2.83 -14.22 -5.81
CA ILE B 36 -1.88 -13.86 -6.86
C ILE B 36 -0.64 -14.67 -6.67
N GLU B 37 0.00 -15.08 -7.76
CA GLU B 37 1.28 -15.77 -7.68
C GLU B 37 2.35 -14.89 -8.36
N VAL B 38 3.45 -14.65 -7.66
CA VAL B 38 4.51 -13.82 -8.22
C VAL B 38 5.83 -14.51 -8.04
N ASP B 39 6.58 -14.64 -9.15
CA ASP B 39 7.95 -15.11 -9.11
C ASP B 39 8.89 -14.13 -9.73
N LEU B 40 10.10 -14.08 -9.18
CA LEU B 40 11.19 -13.37 -9.86
C LEU B 40 12.00 -14.40 -10.65
N LEU B 41 12.39 -14.05 -11.87
CA LEU B 41 13.13 -15.00 -12.74
C LEU B 41 14.52 -14.47 -13.07
N LYS B 42 15.49 -15.40 -13.15
CA LYS B 42 16.83 -15.10 -13.67
C LYS B 42 16.99 -16.02 -14.89
N ASN B 43 17.11 -15.42 -16.07
CA ASN B 43 17.26 -16.20 -17.31
C ASN B 43 16.16 -17.23 -17.45
N GLY B 44 14.93 -16.82 -17.12
CA GLY B 44 13.76 -17.65 -17.29
C GLY B 44 13.50 -18.59 -16.15
N GLU B 45 14.39 -18.71 -15.19
CA GLU B 45 14.27 -19.66 -14.10
C GLU B 45 13.88 -18.96 -12.79
N ARG B 46 13.01 -19.61 -12.03
CA ARG B 46 12.51 -19.07 -10.78
C ARG B 46 13.64 -18.86 -9.76
N ILE B 47 13.72 -17.66 -9.19
CA ILE B 47 14.64 -17.40 -8.08
C ILE B 47 14.01 -17.87 -6.77
N GLU B 48 14.77 -18.65 -6.01
CA GLU B 48 14.23 -19.34 -4.83
C GLU B 48 14.06 -18.47 -3.61
N LYS B 49 14.96 -17.57 -3.31
CA LYS B 49 14.83 -16.91 -2.01
C LYS B 49 14.22 -15.54 -2.27
N VAL B 50 12.90 -15.53 -2.44
CA VAL B 50 12.18 -14.27 -2.66
C VAL B 50 11.23 -14.02 -1.54
N GLU B 51 11.24 -12.78 -1.05
CA GLU B 51 10.38 -12.38 0.04
C GLU B 51 9.34 -11.45 -0.47
N HIS B 52 8.30 -11.30 0.35
CA HIS B 52 7.27 -10.35 0.02
C HIS B 52 6.72 -9.59 1.22
N SER B 53 6.14 -8.45 0.92
CA SER B 53 5.45 -7.63 1.93
C SER B 53 4.17 -8.24 2.40
N ASP B 54 3.65 -7.66 3.48
CA ASP B 54 2.34 -8.04 3.99
C ASP B 54 1.22 -7.40 3.17
N LEU B 55 0.25 -8.22 2.79
CA LEU B 55 -0.87 -7.75 1.94
C LEU B 55 -1.52 -6.47 2.54
N SER B 56 -1.64 -5.44 1.71
CA SER B 56 -2.37 -4.25 2.06
C SER B 56 -3.11 -3.80 0.82
N PHE B 57 -3.83 -2.69 0.97
CA PHE B 57 -4.70 -2.22 -0.11
C PHE B 57 -4.83 -0.71 -0.12
N SER B 58 -5.28 -0.21 -1.28
CA SER B 58 -5.38 1.23 -1.58
C SER B 58 -6.79 1.72 -1.23
N LYS B 59 -7.02 3.02 -1.41
CA LYS B 59 -8.28 3.64 -1.10
C LYS B 59 -9.43 2.98 -1.83
N ASP B 60 -9.21 2.52 -3.07
CA ASP B 60 -10.21 1.87 -3.87
C ASP B 60 -10.41 0.37 -3.55
N TRP B 61 -9.72 -0.12 -2.48
CA TRP B 61 -9.80 -1.48 -2.03
C TRP B 61 -8.93 -2.48 -2.81
N SER B 62 -8.33 -2.01 -3.89
CA SER B 62 -7.47 -2.90 -4.67
C SER B 62 -6.16 -3.18 -3.91
N PHE B 63 -5.63 -4.38 -4.15
CA PHE B 63 -4.49 -4.87 -3.39
C PHE B 63 -3.14 -4.47 -3.99
N TYR B 64 -2.12 -4.46 -3.12
CA TYR B 64 -0.73 -4.36 -3.56
C TYR B 64 0.21 -5.19 -2.70
N LEU B 65 1.29 -5.63 -3.33
CA LEU B 65 2.40 -6.43 -2.72
C LEU B 65 3.70 -6.05 -3.41
N LEU B 66 4.78 -6.10 -2.63
CA LEU B 66 6.12 -6.03 -3.16
C LEU B 66 6.81 -7.36 -2.94
N TYR B 67 7.33 -7.90 -4.03
CA TYR B 67 8.21 -9.09 -4.00
C TYR B 67 9.64 -8.64 -4.27
N TYR B 68 10.61 -9.24 -3.61
CA TYR B 68 12.01 -8.73 -3.70
C TYR B 68 13.03 -9.80 -3.34
N THR B 69 14.21 -9.61 -3.89
CA THR B 69 15.36 -10.44 -3.56
C THR B 69 16.63 -9.66 -3.84
N GLU B 70 17.71 -10.07 -3.21
CA GLU B 70 19.01 -9.55 -3.59
C GLU B 70 19.34 -10.03 -4.99
N PHE B 71 20.02 -9.18 -5.75
CA PHE B 71 20.60 -9.58 -7.07
C PHE B 71 21.75 -8.67 -7.48
N THR B 72 22.51 -9.14 -8.44
CA THR B 72 23.63 -8.41 -8.98
C THR B 72 23.39 -8.33 -10.49
N PRO B 73 22.96 -7.18 -10.97
CA PRO B 73 22.81 -7.05 -12.42
C PRO B 73 24.10 -7.32 -13.16
N THR B 74 23.97 -7.88 -14.37
CA THR B 74 25.08 -8.05 -15.25
C THR B 74 24.66 -7.76 -16.67
N GLU B 75 25.64 -7.72 -17.58
CA GLU B 75 25.33 -7.53 -19.00
C GLU B 75 24.59 -8.73 -19.54
N LYS B 76 24.87 -9.92 -19.01
CA LYS B 76 24.37 -11.14 -19.65
C LYS B 76 23.07 -11.70 -19.12
N ASP B 77 22.69 -11.37 -17.89
CA ASP B 77 21.57 -12.02 -17.24
C ASP B 77 20.29 -11.21 -17.39
N GLU B 78 19.24 -11.91 -17.79
CA GLU B 78 17.92 -11.31 -17.95
C GLU B 78 17.09 -11.56 -16.71
N TYR B 79 16.58 -10.49 -16.09
CA TYR B 79 15.70 -10.63 -14.93
C TYR B 79 14.29 -10.25 -15.32
N ALA B 80 13.31 -10.83 -14.62
CA ALA B 80 11.91 -10.62 -14.96
C ALA B 80 11.07 -10.90 -13.75
N CYS B 81 9.82 -10.44 -13.86
CA CYS B 81 8.80 -10.81 -12.89
C CYS B 81 7.71 -11.57 -13.65
N ARG B 82 7.27 -12.70 -13.08
CA ARG B 82 6.20 -13.51 -13.69
C ARG B 82 4.99 -13.52 -12.76
N VAL B 83 3.84 -13.11 -13.28
CA VAL B 83 2.67 -12.96 -12.41
C VAL B 83 1.52 -13.78 -12.95
N ASN B 84 0.85 -14.52 -12.06
CA ASN B 84 -0.40 -15.12 -12.47
C ASN B 84 -1.51 -14.63 -11.58
N HIS B 85 -2.70 -14.51 -12.17
CA HIS B 85 -3.83 -13.97 -11.54
C HIS B 85 -5.05 -14.46 -12.35
N VAL B 86 -6.20 -14.49 -11.70
CA VAL B 86 -7.41 -14.98 -12.40
C VAL B 86 -7.72 -14.23 -13.72
N THR B 87 -7.31 -12.97 -13.81
CA THR B 87 -7.45 -12.18 -15.03
C THR B 87 -6.55 -12.55 -16.17
N LEU B 88 -5.58 -13.41 -15.96
CA LEU B 88 -4.59 -13.71 -16.99
C LEU B 88 -4.77 -15.13 -17.46
N SER B 89 -4.85 -15.30 -18.78
CA SER B 89 -5.03 -16.64 -19.33
C SER B 89 -3.71 -17.42 -19.31
N GLN B 90 -2.57 -16.72 -19.31
CA GLN B 90 -1.32 -17.37 -18.96
C GLN B 90 -0.51 -16.41 -18.10
N PRO B 91 0.52 -16.91 -17.44
CA PRO B 91 1.38 -16.00 -16.67
C PRO B 91 1.89 -14.85 -17.50
N LYS B 92 1.90 -13.65 -16.93
CA LYS B 92 2.46 -12.50 -17.58
C LYS B 92 3.91 -12.31 -17.11
N ILE B 93 4.81 -12.12 -18.08
CA ILE B 93 6.23 -11.94 -17.78
C ILE B 93 6.61 -10.55 -18.18
N VAL B 94 7.12 -9.81 -17.22
CA VAL B 94 7.58 -8.45 -17.47
C VAL B 94 9.07 -8.41 -17.20
N LYS B 95 9.85 -8.09 -18.22
CA LYS B 95 11.30 -8.06 -18.11
C LYS B 95 11.75 -6.80 -17.38
N TRP B 96 12.74 -6.96 -16.53
CA TRP B 96 13.41 -5.85 -15.91
C TRP B 96 14.20 -5.04 -16.91
N ASP B 97 13.89 -3.73 -16.95
CA ASP B 97 14.67 -2.74 -17.72
C ASP B 97 15.20 -1.73 -16.74
N ARG B 98 16.53 -1.67 -16.56
CA ARG B 98 17.18 -0.75 -15.62
C ARG B 98 16.85 0.72 -15.81
N ASP B 99 16.25 1.09 -16.95
CA ASP B 99 15.90 2.46 -17.16
C ASP B 99 14.53 2.84 -16.72
N MET B 100 13.78 1.90 -16.14
CA MET B 100 12.38 2.08 -15.79
C MET B 100 12.02 1.83 -14.31
N GLU C 1 -1.86 1.42 18.15
CA GLU C 1 -2.71 0.71 19.09
C GLU C 1 -4.02 0.42 18.36
N THR C 2 -4.36 -0.84 18.28
CA THR C 2 -5.57 -1.29 17.53
C THR C 2 -6.82 -0.95 18.28
N SER C 3 -7.92 -0.89 17.53
CA SER C 3 -9.22 -0.86 18.13
C SER C 3 -9.61 -2.16 18.77
N PRO C 4 -10.26 -2.08 19.94
CA PRO C 4 -10.81 -3.28 20.58
C PRO C 4 -12.25 -3.59 20.15
N LEU C 5 -12.75 -2.87 19.17
CA LEU C 5 -14.17 -2.95 18.80
C LEU C 5 -14.44 -3.90 17.68
N THR C 6 -15.23 -4.96 17.94
CA THR C 6 -15.29 -6.05 16.95
C THR C 6 -16.68 -6.64 16.77
N ALA C 7 -17.72 -5.79 16.77
CA ALA C 7 -19.09 -6.27 16.65
C ALA C 7 -19.38 -6.88 15.30
N GLU C 8 -20.24 -7.93 15.32
CA GLU C 8 -20.67 -8.63 14.08
C GLU C 8 -21.66 -7.77 13.26
N LYS C 9 -21.66 -8.03 11.96
CA LYS C 9 -22.45 -7.21 11.03
C LYS C 9 -23.91 -7.57 10.94
N LEU C 10 -24.26 -8.83 11.10
CA LEU C 10 -25.64 -9.29 10.89
C LEU C 10 -26.11 -10.12 12.04
C1 EDO D . -0.56 2.85 4.05
O1 EDO D . -1.57 3.28 3.14
C2 EDO D . 0.12 4.10 4.55
O2 EDO D . 1.03 4.52 3.53
C1 EDO E . 15.11 2.70 -9.42
O1 EDO E . 14.82 1.48 -10.08
C2 EDO E . 16.59 2.88 -9.31
O2 EDO E . 17.03 2.96 -10.67
NI NI F . -34.92 0.78 8.18
CD CD G . 1.46 9.10 2.74
CD CD H . -25.50 5.82 23.40
NI NI I . 4.67 16.78 12.32
C1 EDO J . 20.94 -6.63 -19.33
O1 EDO J . 21.09 -5.21 -19.45
C2 EDO J . 19.55 -6.98 -18.82
O2 EDO J . 19.34 -6.37 -17.54
C1 EDO K . -16.56 -11.40 -8.81
O1 EDO K . -16.73 -10.29 -7.93
C2 EDO K . -15.13 -11.35 -9.38
O2 EDO K . -14.14 -10.91 -8.41
C1 EDO L . 7.52 -16.53 2.29
O1 EDO L . 6.68 -16.46 1.14
C2 EDO L . 6.70 -16.25 3.57
O2 EDO L . 5.50 -15.55 3.24
C1 EDO M . 2.29 -15.42 0.34
O1 EDO M . 3.55 -16.03 0.44
C2 EDO M . 1.78 -15.35 1.77
O2 EDO M . 2.84 -15.55 2.74
CO CO N . -14.93 -9.36 -7.30
NI NI O . 4.55 -15.92 1.67
#